data_5DL2
#
_entry.id   5DL2
#
_cell.length_a   94.060
_cell.length_b   94.060
_cell.length_c   178.270
_cell.angle_alpha   90.00
_cell.angle_beta   90.00
_cell.angle_gamma   120.00
#
_symmetry.space_group_name_H-M   'P 32 1 2'
#
_entity_poly.entity_id   1
_entity_poly.type   'polypeptide(L)'
_entity_poly.pdbx_seq_one_letter_code
;MNVDEFLFISNNFKQYKEFIDMDTAKHYFECRNIEGLNHILDSYKDSKSTKEKNLFALVKVLLATLTEEDCLTERTYLSN
YLINIETWSHYETVLFNNCMFIFESCFIEMVFSKVILNLDKYNTLRYYGNESIRMFVNMLILFIQRQEYDKASEILAKIE
DYQLNDDCLYERCCVSFFDGIIGLINGKEGAEQKCVQILEIFQLLNCKTIHHMFQTYLEAIKHKLSLEHHHHHH
;
_entity_poly.pdbx_strand_id   A,B
#
# COMPACT_ATOMS: atom_id res chain seq x y z
N ASP A 4 -6.09 2.15 16.58
CA ASP A 4 -6.76 2.61 15.36
C ASP A 4 -5.89 2.35 14.14
N GLU A 5 -6.07 3.19 13.12
CA GLU A 5 -5.14 3.20 11.99
C GLU A 5 -4.47 4.56 11.83
N PHE A 6 -3.38 4.75 12.57
CA PHE A 6 -2.48 5.88 12.36
C PHE A 6 -1.39 5.36 11.44
N LEU A 7 -1.31 4.04 11.37
CA LEU A 7 -0.46 3.35 10.42
C LEU A 7 -1.07 3.51 9.02
N PHE A 8 -2.35 3.83 8.98
CA PHE A 8 -3.00 4.19 7.73
C PHE A 8 -2.37 5.42 7.09
N ILE A 9 -1.99 6.40 7.91
CA ILE A 9 -1.27 7.56 7.40
C ILE A 9 0.08 7.17 6.81
N SER A 10 0.68 6.11 7.34
CA SER A 10 1.95 5.61 6.81
C SER A 10 1.74 4.94 5.45
N ASN A 11 0.57 5.18 4.85
CA ASN A 11 0.34 4.86 3.45
C ASN A 11 1.07 5.83 2.54
N ASN A 12 1.37 7.02 3.07
CA ASN A 12 2.03 8.07 2.28
C ASN A 12 3.32 7.59 1.62
N PHE A 13 3.96 6.61 2.23
CA PHE A 13 5.02 5.89 1.55
C PHE A 13 4.37 4.91 0.57
N LYS A 14 3.63 5.47 -0.38
CA LYS A 14 2.85 4.68 -1.33
C LYS A 14 3.62 4.50 -2.62
N GLN A 15 4.90 4.91 -2.60
CA GLN A 15 5.79 4.65 -3.72
C GLN A 15 6.05 3.15 -3.83
N TYR A 16 5.43 2.40 -2.92
CA TYR A 16 5.38 0.96 -2.93
C TYR A 16 4.83 0.46 -4.27
N LYS A 17 3.98 1.29 -4.89
CA LYS A 17 3.44 1.00 -6.21
C LYS A 17 4.55 0.62 -7.17
N GLU A 18 5.64 1.38 -7.11
CA GLU A 18 6.79 1.15 -7.97
C GLU A 18 7.21 -0.31 -7.92
N PHE A 19 7.40 -0.83 -6.70
CA PHE A 19 7.77 -2.22 -6.51
C PHE A 19 6.84 -3.12 -7.33
N ILE A 20 5.55 -2.95 -7.10
CA ILE A 20 4.53 -3.75 -7.74
C ILE A 20 4.64 -3.57 -9.24
N ASP A 21 4.74 -2.32 -9.66
CA ASP A 21 4.82 -2.01 -11.08
C ASP A 21 5.99 -2.78 -11.64
N MET A 22 7.13 -2.66 -10.97
CA MET A 22 8.34 -3.36 -11.37
C MET A 22 8.03 -4.84 -11.50
N ASP A 23 7.41 -5.38 -10.45
CA ASP A 23 7.07 -6.78 -10.38
C ASP A 23 6.20 -7.17 -11.56
N THR A 24 5.23 -6.32 -11.90
CA THR A 24 4.38 -6.58 -13.05
C THR A 24 5.23 -6.82 -14.27
N ALA A 25 6.13 -5.88 -14.56
CA ALA A 25 6.99 -5.96 -15.73
C ALA A 25 7.80 -7.24 -15.67
N LYS A 26 8.20 -7.62 -14.45
CA LYS A 26 9.04 -8.80 -14.23
C LYS A 26 8.38 -10.04 -14.80
N HIS A 27 7.06 -10.11 -14.75
CA HIS A 27 6.37 -11.26 -15.32
C HIS A 27 5.77 -10.93 -16.68
N TYR A 28 5.65 -9.65 -16.99
CA TYR A 28 5.25 -9.24 -18.34
C TYR A 28 6.35 -9.60 -19.33
N PHE A 29 7.59 -9.50 -18.86
CA PHE A 29 8.77 -9.80 -19.67
C PHE A 29 8.78 -11.22 -20.20
N GLU A 30 8.26 -12.14 -19.39
CA GLU A 30 8.17 -13.55 -19.76
C GLU A 30 7.37 -13.74 -21.04
N CYS A 31 6.14 -13.23 -21.05
CA CYS A 31 5.25 -13.40 -22.20
C CYS A 31 4.75 -12.10 -22.85
N ARG A 32 3.92 -11.36 -22.12
CA ARG A 32 3.15 -10.26 -22.71
C ARG A 32 3.99 -9.10 -23.26
N ASN A 33 3.76 -8.79 -24.53
CA ASN A 33 4.44 -7.71 -25.22
C ASN A 33 3.62 -6.44 -25.30
N ILE A 34 2.36 -6.58 -25.73
CA ILE A 34 1.50 -5.43 -26.03
C ILE A 34 1.33 -4.47 -24.85
N GLU A 35 1.24 -5.01 -23.65
CA GLU A 35 1.08 -4.18 -22.48
C GLU A 35 2.44 -3.67 -22.00
N GLY A 36 3.50 -4.29 -22.50
CA GLY A 36 4.83 -3.70 -22.37
C GLY A 36 4.90 -2.43 -23.19
N LEU A 37 4.35 -2.48 -24.40
CA LEU A 37 4.25 -1.31 -25.27
C LEU A 37 3.39 -0.22 -24.63
N ASN A 38 2.25 -0.63 -24.08
CA ASN A 38 1.38 0.29 -23.34
C ASN A 38 2.12 0.92 -22.15
N HIS A 39 2.86 0.08 -21.44
CA HIS A 39 3.70 0.53 -20.32
C HIS A 39 4.67 1.62 -20.73
N ILE A 40 5.43 1.36 -21.79
CA ILE A 40 6.37 2.36 -22.32
C ILE A 40 5.63 3.64 -22.74
N LEU A 41 4.46 3.48 -23.35
CA LEU A 41 3.63 4.61 -23.74
C LEU A 41 3.31 5.51 -22.54
N ASP A 42 2.80 4.90 -21.48
CA ASP A 42 2.42 5.61 -20.26
C ASP A 42 3.62 6.18 -19.50
N SER A 43 4.74 5.45 -19.52
CA SER A 43 5.91 5.84 -18.74
C SER A 43 6.80 6.84 -19.46
N TYR A 44 6.57 7.03 -20.75
CA TYR A 44 7.19 8.16 -21.44
C TYR A 44 6.20 9.32 -21.49
N LYS A 45 4.93 9.00 -21.29
CA LYS A 45 3.90 10.02 -21.04
C LYS A 45 4.24 10.72 -19.73
N ASP A 46 4.77 9.94 -18.78
CA ASP A 46 5.16 10.45 -17.48
C ASP A 46 6.68 10.30 -17.26
N SER A 47 7.47 10.60 -18.29
CA SER A 47 8.93 10.42 -18.22
C SER A 47 9.68 11.53 -17.47
N LYS A 48 9.01 12.19 -16.54
CA LYS A 48 9.59 13.32 -15.82
C LYS A 48 10.37 13.00 -14.53
N SER A 49 9.82 12.15 -13.66
CA SER A 49 10.50 11.87 -12.38
C SER A 49 11.54 10.76 -12.53
N THR A 50 12.40 10.60 -11.53
CA THR A 50 13.54 9.70 -11.64
C THR A 50 13.18 8.20 -11.60
N LYS A 51 12.23 7.83 -10.76
CA LYS A 51 11.84 6.42 -10.63
C LYS A 51 10.91 6.02 -11.76
N GLU A 52 10.09 6.97 -12.22
CA GLU A 52 9.33 6.78 -13.45
C GLU A 52 10.30 6.51 -14.59
N LYS A 53 11.38 7.28 -14.65
CA LYS A 53 12.43 7.06 -15.64
C LYS A 53 13.05 5.69 -15.47
N ASN A 54 13.24 5.26 -14.23
CA ASN A 54 13.78 3.94 -13.93
C ASN A 54 12.90 2.82 -14.47
N LEU A 55 11.60 2.96 -14.26
CA LEU A 55 10.62 1.98 -14.70
C LEU A 55 10.59 1.93 -16.21
N PHE A 56 10.50 3.11 -16.83
CA PHE A 56 10.54 3.27 -18.28
C PHE A 56 11.77 2.60 -18.86
N ALA A 57 12.90 2.78 -18.19
CA ALA A 57 14.16 2.18 -18.59
C ALA A 57 14.12 0.65 -18.52
N LEU A 58 13.55 0.13 -17.43
CA LEU A 58 13.45 -1.32 -17.26
C LEU A 58 12.57 -1.95 -18.32
N VAL A 59 11.37 -1.39 -18.52
CA VAL A 59 10.46 -1.87 -19.55
C VAL A 59 11.11 -1.81 -20.92
N LYS A 60 11.86 -0.73 -21.16
CA LYS A 60 12.63 -0.57 -22.40
C LYS A 60 13.59 -1.73 -22.58
N VAL A 61 14.35 -2.00 -21.52
CA VAL A 61 15.32 -3.09 -21.48
C VAL A 61 14.70 -4.45 -21.80
N LEU A 62 13.59 -4.76 -21.13
CA LEU A 62 12.94 -6.06 -21.29
C LEU A 62 12.35 -6.24 -22.69
N LEU A 63 11.64 -5.21 -23.15
CA LEU A 63 11.10 -5.22 -24.50
C LEU A 63 12.20 -5.36 -25.53
N ALA A 64 13.37 -4.80 -25.22
CA ALA A 64 14.50 -4.82 -26.16
C ALA A 64 15.16 -6.20 -26.20
N THR A 65 15.23 -6.89 -25.07
CA THR A 65 15.76 -8.25 -25.08
C THR A 65 14.79 -9.19 -25.76
N LEU A 66 13.51 -8.87 -25.64
CA LEU A 66 12.49 -9.63 -26.35
C LEU A 66 12.53 -9.34 -27.85
N THR A 67 12.76 -8.07 -28.20
CA THR A 67 12.58 -7.66 -29.60
C THR A 67 13.77 -7.01 -30.31
N GLU A 68 14.97 -7.54 -30.10
CA GLU A 68 16.19 -7.10 -30.79
C GLU A 68 16.51 -5.60 -30.76
N GLU A 69 15.94 -4.83 -29.83
CA GLU A 69 16.25 -3.41 -29.79
C GLU A 69 17.52 -3.15 -28.99
N ASP A 70 18.17 -2.03 -29.24
CA ASP A 70 19.53 -1.82 -28.73
C ASP A 70 19.53 -1.44 -27.25
N CYS A 71 18.69 -0.47 -26.90
CA CYS A 71 18.44 -0.04 -25.52
C CYS A 71 19.72 0.25 -24.73
N LEU A 72 20.74 0.73 -25.42
CA LEU A 72 22.01 1.05 -24.78
C LEU A 72 21.87 2.29 -23.90
N THR A 73 21.07 3.24 -24.37
CA THR A 73 20.77 4.46 -23.61
C THR A 73 20.20 4.15 -22.23
N GLU A 74 19.10 3.39 -22.20
CA GLU A 74 18.43 3.06 -20.95
C GLU A 74 19.31 2.16 -20.09
N ARG A 75 20.05 1.27 -20.74
CA ARG A 75 21.05 0.46 -20.05
C ARG A 75 22.01 1.34 -19.26
N THR A 76 22.54 2.37 -19.94
CA THR A 76 23.50 3.27 -19.33
C THR A 76 22.83 4.09 -18.24
N TYR A 77 21.54 4.36 -18.42
CA TYR A 77 20.75 5.04 -17.39
C TYR A 77 20.67 4.21 -16.12
N LEU A 78 20.31 2.94 -16.27
CA LEU A 78 20.17 2.03 -15.14
C LEU A 78 21.51 1.87 -14.42
N SER A 79 22.57 1.64 -15.21
CA SER A 79 23.91 1.56 -14.67
C SER A 79 24.23 2.82 -13.85
N ASN A 80 23.95 3.98 -14.45
CA ASN A 80 24.11 5.27 -13.80
C ASN A 80 23.43 5.34 -12.43
N TYR A 81 22.12 5.12 -12.42
CA TYR A 81 21.35 5.15 -11.18
C TYR A 81 21.92 4.23 -10.13
N LEU A 82 22.24 2.99 -10.52
CA LEU A 82 22.68 2.01 -9.54
C LEU A 82 24.11 2.28 -9.05
N ILE A 83 24.88 3.03 -9.81
CA ILE A 83 26.21 3.44 -9.36
C ILE A 83 26.14 4.58 -8.34
N ASN A 84 25.19 5.49 -8.55
CA ASN A 84 25.16 6.74 -7.80
C ASN A 84 24.26 6.80 -6.56
N ILE A 85 23.81 5.65 -6.06
CA ILE A 85 23.08 5.66 -4.79
C ILE A 85 24.07 5.67 -3.62
N GLU A 86 23.79 6.49 -2.62
CA GLU A 86 24.68 6.60 -1.49
C GLU A 86 24.37 5.47 -0.51
N THR A 87 23.20 5.53 0.10
CA THR A 87 22.80 4.51 1.04
C THR A 87 21.78 3.57 0.38
N TRP A 88 22.02 2.27 0.52
CA TRP A 88 21.23 1.25 -0.16
C TRP A 88 19.95 0.84 0.55
N SER A 89 18.86 0.88 -0.20
CA SER A 89 17.55 0.43 0.26
C SER A 89 17.09 -0.76 -0.56
N HIS A 90 16.08 -1.46 -0.04
CA HIS A 90 15.55 -2.66 -0.68
C HIS A 90 15.10 -2.42 -2.13
N TYR A 91 14.67 -1.19 -2.42
CA TYR A 91 14.24 -0.83 -3.77
C TYR A 91 15.34 -1.13 -4.77
N GLU A 92 16.55 -0.69 -4.45
CA GLU A 92 17.66 -0.86 -5.36
C GLU A 92 18.10 -2.31 -5.40
N THR A 93 17.85 -3.07 -4.34
CA THR A 93 18.17 -4.50 -4.38
C THR A 93 17.25 -5.17 -5.37
N VAL A 94 15.99 -4.75 -5.36
CA VAL A 94 15.01 -5.26 -6.31
C VAL A 94 15.39 -4.90 -7.74
N LEU A 95 15.64 -3.62 -7.97
CA LEU A 95 16.03 -3.12 -9.29
C LEU A 95 17.28 -3.80 -9.83
N PHE A 96 18.34 -3.80 -9.02
CA PHE A 96 19.59 -4.45 -9.37
C PHE A 96 19.36 -5.91 -9.71
N ASN A 97 18.62 -6.62 -8.85
CA ASN A 97 18.38 -8.05 -9.07
C ASN A 97 17.62 -8.28 -10.36
N ASN A 98 16.76 -7.34 -10.71
CA ASN A 98 16.01 -7.41 -11.97
C ASN A 98 16.89 -7.21 -13.19
N CYS A 99 17.56 -6.08 -13.24
CA CYS A 99 18.26 -5.65 -14.45
C CYS A 99 19.77 -5.91 -14.45
N MET A 100 20.27 -6.73 -13.52
CA MET A 100 21.71 -6.99 -13.48
C MET A 100 22.14 -7.92 -14.60
N PHE A 101 21.18 -8.36 -15.41
CA PHE A 101 21.48 -9.30 -16.48
C PHE A 101 22.11 -8.63 -17.70
N ILE A 102 21.70 -7.41 -18.02
CA ILE A 102 22.25 -6.73 -19.19
C ILE A 102 23.46 -5.87 -18.79
N PHE A 103 23.83 -5.91 -17.52
CA PHE A 103 24.91 -5.04 -17.04
C PHE A 103 26.30 -5.55 -17.36
N GLU A 104 27.23 -4.62 -17.52
CA GLU A 104 28.64 -4.97 -17.60
C GLU A 104 29.10 -5.33 -16.20
N SER A 105 30.03 -6.28 -16.12
CA SER A 105 30.45 -6.84 -14.84
C SER A 105 31.14 -5.79 -13.95
N CYS A 106 31.48 -4.66 -14.54
CA CYS A 106 32.17 -3.57 -13.86
C CYS A 106 31.27 -2.89 -12.83
N PHE A 107 30.12 -2.46 -13.33
CA PHE A 107 29.08 -1.81 -12.55
C PHE A 107 28.62 -2.76 -11.46
N ILE A 108 28.34 -4.00 -11.86
CA ILE A 108 27.98 -5.05 -10.93
C ILE A 108 29.02 -5.18 -9.81
N GLU A 109 30.29 -5.20 -10.18
CA GLU A 109 31.38 -5.27 -9.21
C GLU A 109 31.29 -4.14 -8.18
N MET A 110 31.08 -2.92 -8.66
CA MET A 110 31.01 -1.79 -7.75
C MET A 110 29.78 -1.90 -6.84
N VAL A 111 28.66 -2.29 -7.43
CA VAL A 111 27.43 -2.51 -6.67
C VAL A 111 27.65 -3.52 -5.54
N PHE A 112 28.30 -4.64 -5.85
CA PHE A 112 28.65 -5.62 -4.84
C PHE A 112 29.52 -5.01 -3.75
N SER A 113 30.48 -4.17 -4.16
CA SER A 113 31.33 -3.49 -3.20
C SER A 113 30.55 -2.55 -2.28
N LYS A 114 29.43 -2.04 -2.77
CA LYS A 114 28.59 -1.13 -1.99
C LYS A 114 27.55 -1.82 -1.09
N VAL A 115 26.84 -2.80 -1.64
CA VAL A 115 25.78 -3.49 -0.92
C VAL A 115 26.32 -4.35 0.22
N ILE A 116 27.58 -4.75 0.10
CA ILE A 116 28.16 -5.74 1.00
C ILE A 116 28.23 -5.26 2.46
N LEU A 117 28.14 -3.94 2.66
CA LEU A 117 28.16 -3.38 4.00
C LEU A 117 26.74 -3.14 4.54
N ASN A 118 25.85 -2.70 3.67
CA ASN A 118 24.47 -2.40 4.04
C ASN A 118 23.59 -3.65 4.10
N LEU A 119 24.22 -4.81 4.19
CA LEU A 119 23.52 -6.08 4.16
C LEU A 119 22.85 -6.48 5.47
N ASP A 120 23.32 -5.91 6.58
CA ASP A 120 22.98 -6.43 7.90
C ASP A 120 21.49 -6.35 8.27
N LYS A 121 20.73 -5.52 7.57
CA LYS A 121 19.29 -5.46 7.84
C LYS A 121 18.62 -6.73 7.37
N TYR A 122 19.20 -7.36 6.35
CA TYR A 122 18.75 -8.68 5.90
C TYR A 122 19.26 -9.75 6.85
N ASN A 123 20.27 -9.43 7.64
CA ASN A 123 20.94 -10.42 8.46
C ASN A 123 20.42 -10.49 9.89
N THR A 124 19.70 -9.45 10.31
CA THR A 124 18.95 -9.49 11.55
C THR A 124 17.61 -10.14 11.19
N LEU A 125 17.14 -9.79 10.00
CA LEU A 125 15.88 -10.29 9.49
C LEU A 125 16.04 -11.75 9.07
N TYR A 127 12.51 -16.01 3.49
CA TYR A 127 12.65 -15.60 2.09
C TYR A 127 13.59 -14.41 1.98
N TYR A 128 13.27 -13.34 2.71
CA TYR A 128 13.96 -12.07 2.51
C TYR A 128 15.31 -12.03 3.22
N GLY A 129 15.45 -12.81 4.29
CA GLY A 129 16.73 -12.93 4.98
C GLY A 129 17.74 -13.63 4.09
N ASN A 130 17.26 -14.31 3.06
CA ASN A 130 18.13 -14.95 2.09
C ASN A 130 18.28 -14.11 0.81
N GLU A 131 17.51 -13.03 0.71
CA GLU A 131 17.50 -12.18 -0.48
C GLU A 131 18.90 -11.69 -0.85
N SER A 132 19.66 -11.29 0.17
CA SER A 132 21.06 -10.92 -0.01
C SER A 132 21.78 -11.98 -0.84
N ILE A 133 21.75 -13.22 -0.36
CA ILE A 133 22.47 -14.30 -1.03
C ILE A 133 21.81 -14.55 -2.40
N ARG A 134 20.51 -14.31 -2.46
CA ARG A 134 19.74 -14.51 -3.69
C ARG A 134 20.27 -13.56 -4.76
N MET A 135 20.77 -12.41 -4.31
CA MET A 135 21.45 -11.47 -5.19
C MET A 135 22.82 -12.00 -5.58
N PHE A 136 23.60 -12.41 -4.59
CA PHE A 136 24.99 -12.82 -4.82
C PHE A 136 25.09 -13.93 -5.85
N VAL A 137 24.28 -14.98 -5.66
CA VAL A 137 24.30 -16.10 -6.58
C VAL A 137 23.93 -15.60 -7.96
N ASN A 138 22.93 -14.72 -8.02
CA ASN A 138 22.50 -14.14 -9.28
C ASN A 138 23.72 -13.51 -9.96
N MET A 139 24.51 -12.76 -9.20
CA MET A 139 25.76 -12.21 -9.70
C MET A 139 26.70 -13.33 -10.16
N LEU A 140 26.99 -14.25 -9.25
CA LEU A 140 27.98 -15.30 -9.49
C LEU A 140 27.76 -16.10 -10.77
N ILE A 141 26.55 -16.58 -10.95
CA ILE A 141 26.20 -17.35 -12.14
C ILE A 141 26.49 -16.51 -13.36
N LEU A 142 26.03 -15.26 -13.30
CA LEU A 142 26.17 -14.34 -14.41
C LEU A 142 27.62 -14.07 -14.72
N PHE A 143 28.50 -14.25 -13.73
CA PHE A 143 29.93 -14.09 -13.96
C PHE A 143 30.49 -15.32 -14.64
N ILE A 144 30.02 -16.49 -14.21
CA ILE A 144 30.50 -17.74 -14.77
C ILE A 144 29.91 -17.95 -16.15
N GLN A 145 28.70 -17.42 -16.34
CA GLN A 145 28.02 -17.53 -17.63
C GLN A 145 28.57 -16.48 -18.57
N ARG A 146 29.25 -15.48 -18.00
CA ARG A 146 29.99 -14.49 -18.77
C ARG A 146 31.46 -14.91 -18.84
N GLN A 147 31.75 -16.02 -18.18
CA GLN A 147 33.10 -16.59 -18.11
C GLN A 147 34.13 -15.63 -17.51
N GLU A 148 33.78 -15.02 -16.38
CA GLU A 148 34.73 -14.23 -15.62
C GLU A 148 34.98 -14.90 -14.28
N TYR A 149 35.95 -15.80 -14.27
CA TYR A 149 36.15 -16.72 -13.15
C TYR A 149 36.90 -16.11 -11.98
N ASP A 150 37.93 -15.33 -12.29
CA ASP A 150 38.75 -14.71 -11.26
C ASP A 150 37.91 -13.75 -10.42
N LYS A 151 37.00 -13.04 -11.10
CA LYS A 151 36.10 -12.12 -10.40
C LYS A 151 35.15 -12.88 -9.49
N ALA A 152 34.62 -13.99 -9.99
CA ALA A 152 33.74 -14.83 -9.20
C ALA A 152 34.42 -15.33 -7.93
N SER A 153 35.59 -15.93 -8.09
CA SER A 153 36.38 -16.43 -6.95
C SER A 153 36.75 -15.31 -5.98
N GLU A 154 36.98 -14.14 -6.54
CA GLU A 154 37.28 -12.93 -5.78
C GLU A 154 36.10 -12.56 -4.86
N ILE A 155 34.92 -12.46 -5.45
CA ILE A 155 33.67 -12.27 -4.70
C ILE A 155 33.48 -13.32 -3.62
N LEU A 156 33.64 -14.59 -3.99
CA LEU A 156 33.51 -15.70 -3.04
C LEU A 156 34.45 -15.55 -1.85
N ALA A 157 35.69 -15.16 -2.11
CA ALA A 157 36.64 -14.91 -1.03
C ALA A 157 36.10 -13.82 -0.11
N LYS A 158 35.57 -12.76 -0.71
CA LYS A 158 34.96 -11.69 0.09
C LYS A 158 33.81 -12.17 0.96
N ILE A 159 32.91 -12.95 0.37
CA ILE A 159 31.74 -13.48 1.06
C ILE A 159 32.18 -14.41 2.20
N GLU A 160 33.24 -15.16 1.97
CA GLU A 160 33.78 -16.05 2.99
C GLU A 160 34.39 -15.22 4.12
N ASP A 161 34.90 -14.04 3.78
CA ASP A 161 35.33 -13.10 4.79
C ASP A 161 34.11 -12.54 5.53
N TYR A 162 33.03 -12.31 4.77
CA TYR A 162 31.76 -11.88 5.35
C TYR A 162 30.91 -13.06 5.80
N GLN A 163 31.51 -14.24 5.85
CA GLN A 163 30.83 -15.43 6.35
C GLN A 163 30.90 -15.41 7.87
N LEU A 164 31.88 -14.67 8.37
CA LEU A 164 31.99 -14.35 9.78
C LEU A 164 30.71 -13.67 10.25
N ASN A 165 30.16 -12.83 9.36
CA ASN A 165 28.98 -12.04 9.65
C ASN A 165 27.73 -12.89 9.85
N ASP A 166 27.36 -13.66 8.83
CA ASP A 166 26.15 -14.47 8.88
C ASP A 166 26.47 -15.96 9.09
N ASP A 167 25.81 -16.57 10.06
CA ASP A 167 25.99 -17.98 10.36
C ASP A 167 24.94 -18.85 9.67
N CYS A 168 24.14 -18.25 8.79
CA CYS A 168 23.14 -18.98 8.01
C CYS A 168 23.80 -20.08 7.18
N LEU A 169 23.17 -21.24 7.14
CA LEU A 169 23.82 -22.44 6.61
C LEU A 169 23.56 -22.65 5.12
N TYR A 170 22.63 -21.89 4.57
CA TYR A 170 22.42 -21.89 3.13
C TYR A 170 23.61 -21.22 2.46
N GLU A 171 24.14 -20.21 3.15
CA GLU A 171 25.33 -19.48 2.70
C GLU A 171 26.52 -20.41 2.49
N ARG A 172 27.00 -21.01 3.57
CA ARG A 172 28.22 -21.83 3.51
C ARG A 172 28.07 -22.94 2.48
N CYS A 173 26.87 -23.47 2.36
CA CYS A 173 26.55 -24.47 1.35
C CYS A 173 26.77 -23.90 -0.05
N CYS A 174 26.16 -22.75 -0.33
CA CYS A 174 26.29 -22.13 -1.65
C CYS A 174 27.73 -21.77 -2.01
N VAL A 175 28.44 -21.17 -1.06
CA VAL A 175 29.83 -20.78 -1.31
C VAL A 175 30.71 -22.00 -1.50
N SER A 176 30.42 -23.10 -0.79
CA SER A 176 31.20 -24.31 -0.93
C SER A 176 30.95 -24.94 -2.29
N PHE A 177 29.70 -24.88 -2.73
CA PHE A 177 29.31 -25.43 -4.02
C PHE A 177 29.96 -24.67 -5.16
N PHE A 178 29.85 -23.34 -5.13
CA PHE A 178 30.41 -22.53 -6.19
C PHE A 178 31.94 -22.54 -6.17
N ASP A 179 32.52 -22.59 -4.98
CA ASP A 179 33.95 -22.85 -4.84
C ASP A 179 34.34 -24.13 -5.57
N GLY A 180 33.56 -25.18 -5.32
CA GLY A 180 33.72 -26.44 -6.02
C GLY A 180 33.67 -26.25 -7.53
N ILE A 181 32.76 -25.40 -8.00
CA ILE A 181 32.65 -25.11 -9.43
C ILE A 181 33.93 -24.46 -9.96
N ILE A 182 34.44 -23.50 -9.20
CA ILE A 182 35.69 -22.80 -9.52
C ILE A 182 36.83 -23.79 -9.70
N GLY A 183 37.03 -24.63 -8.68
CA GLY A 183 38.02 -25.69 -8.76
C GLY A 183 37.78 -26.62 -9.94
N LEU A 184 36.51 -26.82 -10.27
CA LEU A 184 36.13 -27.73 -11.35
C LEU A 184 36.55 -27.21 -12.72
N ILE A 185 36.30 -25.92 -12.97
CA ILE A 185 36.65 -25.34 -14.27
C ILE A 185 38.14 -25.03 -14.36
N ASN A 186 38.75 -24.65 -13.24
CA ASN A 186 40.19 -24.47 -13.17
C ASN A 186 40.91 -25.81 -13.12
N GLY A 187 40.14 -26.87 -12.90
CA GLY A 187 40.68 -28.22 -12.83
C GLY A 187 41.49 -28.46 -11.56
N LYS A 188 41.14 -27.77 -10.49
CA LYS A 188 41.89 -27.86 -9.24
C LYS A 188 41.56 -29.15 -8.46
N GLU A 189 42.14 -29.26 -7.27
CA GLU A 189 42.15 -30.52 -6.52
C GLU A 189 40.82 -30.85 -5.83
N GLY A 190 40.29 -32.04 -6.13
CA GLY A 190 39.07 -32.55 -5.54
C GLY A 190 37.89 -31.60 -5.42
N ALA A 191 37.68 -30.78 -6.44
CA ALA A 191 36.59 -29.79 -6.45
C ALA A 191 35.23 -30.44 -6.65
N GLU A 192 35.12 -31.21 -7.73
CA GLU A 192 33.86 -31.87 -8.07
C GLU A 192 33.41 -32.79 -6.95
N GLN A 193 34.38 -33.26 -6.16
CA GLN A 193 34.09 -34.07 -4.99
C GLN A 193 33.32 -33.22 -3.97
N LYS A 194 33.80 -32.00 -3.76
CA LYS A 194 33.13 -31.04 -2.88
C LYS A 194 31.72 -30.76 -3.38
N CYS A 195 31.61 -30.47 -4.68
CA CYS A 195 30.32 -30.20 -5.31
C CYS A 195 29.31 -31.32 -5.09
N VAL A 196 29.67 -32.52 -5.52
CA VAL A 196 28.77 -33.67 -5.44
C VAL A 196 28.48 -34.00 -3.98
N GLN A 197 29.41 -33.67 -3.09
CA GLN A 197 29.17 -33.83 -1.66
C GLN A 197 28.08 -32.89 -1.19
N ILE A 198 28.17 -31.62 -1.60
CA ILE A 198 27.16 -30.63 -1.24
C ILE A 198 25.78 -30.97 -1.80
N LEU A 199 25.75 -31.36 -3.08
CA LEU A 199 24.51 -31.87 -3.69
C LEU A 199 23.96 -33.04 -2.90
N GLU A 200 24.87 -33.91 -2.47
CA GLU A 200 24.49 -35.11 -1.74
C GLU A 200 23.83 -34.70 -0.44
N ILE A 201 24.39 -33.70 0.24
CA ILE A 201 23.82 -33.21 1.49
C ILE A 201 22.45 -32.58 1.24
N PHE A 202 22.31 -31.93 0.09
CA PHE A 202 21.03 -31.34 -0.32
C PHE A 202 19.94 -32.39 -0.48
N GLN A 203 20.23 -33.42 -1.27
CA GLN A 203 19.24 -34.47 -1.57
C GLN A 203 18.99 -35.40 -0.38
N LEU A 204 20.00 -35.55 0.49
CA LEU A 204 19.86 -36.40 1.68
C LEU A 204 18.73 -35.90 2.56
N LEU A 205 18.65 -34.59 2.73
CA LEU A 205 17.59 -33.98 3.53
C LEU A 205 16.26 -33.95 2.77
N ASN A 206 16.25 -34.58 1.61
CA ASN A 206 15.04 -34.73 0.80
C ASN A 206 14.44 -33.39 0.36
N CYS A 207 15.29 -32.37 0.27
CA CYS A 207 14.88 -31.09 -0.28
C CYS A 207 15.14 -31.14 -1.79
N LYS A 208 14.20 -31.72 -2.53
CA LYS A 208 14.43 -32.08 -3.93
C LYS A 208 14.47 -30.88 -4.87
N THR A 209 13.74 -29.82 -4.56
CA THR A 209 13.72 -28.65 -5.42
C THR A 209 15.11 -28.03 -5.61
N ILE A 210 15.72 -27.61 -4.50
CA ILE A 210 17.04 -27.00 -4.51
C ILE A 210 18.08 -27.93 -5.12
N HIS A 211 18.06 -29.18 -4.68
CA HIS A 211 18.95 -30.20 -5.20
C HIS A 211 18.82 -30.35 -6.72
N HIS A 212 17.59 -30.27 -7.21
CA HIS A 212 17.31 -30.33 -8.64
C HIS A 212 17.94 -29.14 -9.37
N MET A 213 17.74 -27.95 -8.81
CA MET A 213 18.34 -26.73 -9.36
C MET A 213 19.85 -26.85 -9.51
N PHE A 214 20.51 -27.19 -8.41
CA PHE A 214 21.96 -27.21 -8.39
C PHE A 214 22.55 -28.38 -9.16
N GLN A 215 21.82 -29.49 -9.24
CA GLN A 215 22.27 -30.62 -10.05
C GLN A 215 22.14 -30.29 -11.54
N THR A 216 21.05 -29.64 -11.95
CA THR A 216 20.89 -29.29 -13.36
C THR A 216 21.96 -28.25 -13.75
N TYR A 217 22.27 -27.33 -12.84
CA TYR A 217 23.33 -26.36 -13.11
C TYR A 217 24.69 -27.05 -13.23
N LEU A 218 25.00 -27.89 -12.24
CA LEU A 218 26.26 -28.61 -12.23
C LEU A 218 26.44 -29.46 -13.48
N GLU A 219 25.35 -30.07 -13.96
CA GLU A 219 25.43 -30.87 -15.17
C GLU A 219 25.56 -29.98 -16.40
N ALA A 220 25.07 -28.74 -16.32
CA ALA A 220 25.24 -27.81 -17.42
C ALA A 220 26.70 -27.39 -17.54
N ILE A 221 27.35 -27.17 -16.39
CA ILE A 221 28.76 -26.83 -16.36
C ILE A 221 29.60 -28.02 -16.81
N LYS A 222 29.20 -29.22 -16.38
CA LYS A 222 29.86 -30.45 -16.81
C LYS A 222 29.80 -30.56 -18.32
N HIS A 223 28.66 -30.17 -18.89
CA HIS A 223 28.49 -30.18 -20.33
C HIS A 223 29.38 -29.17 -21.04
N LYS A 224 29.35 -27.93 -20.58
CA LYS A 224 30.15 -26.85 -21.18
C LYS A 224 31.67 -27.06 -21.02
N LEU A 225 32.05 -28.03 -20.21
CA LEU A 225 33.46 -28.33 -19.98
C LEU A 225 34.14 -28.97 -21.19
N SER A 226 33.35 -29.21 -22.24
CA SER A 226 33.79 -29.75 -23.54
C SER A 226 35.30 -29.88 -23.77
N ASP B 4 16.84 0.42 4.80
CA ASP B 4 16.32 -0.27 3.64
C ASP B 4 14.80 -0.22 3.62
N GLU B 5 14.18 -1.22 3.02
CA GLU B 5 12.74 -1.40 3.16
C GLU B 5 12.45 -2.73 3.85
N PHE B 6 12.48 -2.65 5.18
CA PHE B 6 11.98 -3.69 6.06
C PHE B 6 10.56 -3.25 6.37
N LEU B 7 10.31 -1.98 6.11
CA LEU B 7 8.96 -1.43 6.14
C LEU B 7 8.19 -1.96 4.92
N PHE B 8 8.95 -2.43 3.93
CA PHE B 8 8.36 -3.12 2.79
C PHE B 8 7.60 -4.36 3.23
N ILE B 9 8.15 -5.08 4.20
CA ILE B 9 7.45 -6.22 4.80
C ILE B 9 6.17 -5.74 5.47
N SER B 10 6.18 -4.51 5.99
CA SER B 10 4.99 -3.95 6.61
C SER B 10 3.92 -3.63 5.56
N ASN B 11 4.08 -4.19 4.36
CA ASN B 11 3.01 -4.28 3.38
C ASN B 11 1.99 -5.36 3.75
N ASN B 12 2.40 -6.34 4.56
CA ASN B 12 1.52 -7.46 4.93
C ASN B 12 0.17 -7.00 5.45
N PHE B 13 0.14 -5.82 6.05
CA PHE B 13 -1.12 -5.14 6.34
C PHE B 13 -1.65 -4.55 5.03
N LYS B 14 -1.94 -5.43 4.07
CA LYS B 14 -2.33 -5.02 2.73
C LYS B 14 -3.84 -4.97 2.61
N GLN B 15 -4.54 -5.11 3.74
CA GLN B 15 -5.98 -4.90 3.74
C GLN B 15 -6.31 -3.43 3.50
N TYR B 16 -5.27 -2.63 3.32
CA TYR B 16 -5.40 -1.24 2.90
C TYR B 16 -6.18 -1.17 1.59
N LYS B 17 -6.03 -2.21 0.77
CA LYS B 17 -6.79 -2.33 -0.46
C LYS B 17 -8.28 -2.15 -0.21
N GLU B 18 -8.79 -2.74 0.87
CA GLU B 18 -10.20 -2.60 1.24
C GLU B 18 -10.57 -1.13 1.28
N PHE B 19 -9.77 -0.36 2.03
CA PHE B 19 -9.94 1.09 2.13
C PHE B 19 -10.07 1.71 0.76
N ILE B 20 -9.18 1.32 -0.15
CA ILE B 20 -9.21 1.84 -1.50
C ILE B 20 -10.51 1.45 -2.17
N ASP B 21 -10.83 0.16 -2.13
CA ASP B 21 -12.01 -0.37 -2.81
C ASP B 21 -13.24 0.38 -2.33
N MET B 22 -13.38 0.42 -1.01
CA MET B 22 -14.49 1.13 -0.37
C MET B 22 -14.53 2.55 -0.91
N ASP B 23 -13.39 3.24 -0.83
CA ASP B 23 -13.32 4.62 -1.27
C ASP B 23 -13.68 4.69 -2.74
N THR B 24 -13.15 3.75 -3.53
CA THR B 24 -13.46 3.68 -4.93
C THR B 24 -14.97 3.60 -5.08
N ALA B 25 -15.55 2.61 -4.38
CA ALA B 25 -16.98 2.38 -4.44
C ALA B 25 -17.72 3.62 -3.96
N LYS B 26 -17.14 4.29 -2.96
CA LYS B 26 -17.76 5.47 -2.36
C LYS B 26 -18.00 6.54 -3.41
N HIS B 27 -17.11 6.61 -4.40
CA HIS B 27 -17.27 7.59 -5.46
C HIS B 27 -17.82 6.92 -6.73
N TYR B 28 -17.74 5.59 -6.77
CA TYR B 28 -18.35 4.82 -7.86
C TYR B 28 -19.84 5.08 -7.87
N PHE B 29 -20.35 5.31 -6.68
CA PHE B 29 -21.76 5.61 -6.44
C PHE B 29 -22.22 6.81 -7.26
N GLU B 30 -21.30 7.74 -7.49
CA GLU B 30 -21.63 8.97 -8.21
C GLU B 30 -22.28 8.72 -9.58
N CYS B 31 -21.62 7.97 -10.45
CA CYS B 31 -22.16 7.74 -11.79
C CYS B 31 -22.36 6.28 -12.21
N ARG B 32 -21.26 5.60 -12.47
CA ARG B 32 -21.24 4.30 -13.15
C ARG B 32 -21.92 3.16 -12.41
N ASN B 33 -22.84 2.50 -13.10
CA ASN B 33 -23.62 1.39 -12.53
C ASN B 33 -23.12 0.00 -12.87
N ILE B 34 -22.89 -0.25 -14.16
CA ILE B 34 -22.56 -1.59 -14.67
C ILE B 34 -21.31 -2.16 -13.99
N GLU B 35 -20.36 -1.31 -13.66
CA GLU B 35 -19.12 -1.77 -13.03
C GLU B 35 -19.33 -1.93 -11.52
N GLY B 36 -20.40 -1.33 -11.02
CA GLY B 36 -20.89 -1.64 -9.69
C GLY B 36 -21.40 -3.07 -9.67
N LEU B 37 -22.11 -3.43 -10.73
CA LEU B 37 -22.59 -4.80 -10.93
C LEU B 37 -21.40 -5.75 -11.00
N ASN B 38 -20.36 -5.37 -11.73
CA ASN B 38 -19.13 -6.14 -11.79
C ASN B 38 -18.51 -6.31 -10.39
N HIS B 39 -18.50 -5.22 -9.63
CA HIS B 39 -18.03 -5.22 -8.25
C HIS B 39 -18.77 -6.27 -7.43
N ILE B 40 -20.10 -6.21 -7.47
CA ILE B 40 -20.93 -7.18 -6.76
C ILE B 40 -20.65 -8.60 -7.22
N LEU B 41 -20.41 -8.77 -8.52
CA LEU B 41 -20.05 -10.07 -9.07
C LEU B 41 -18.81 -10.60 -8.37
N ASP B 42 -17.75 -9.79 -8.35
CA ASP B 42 -16.48 -10.20 -7.76
C ASP B 42 -16.57 -10.40 -6.24
N SER B 43 -17.37 -9.58 -5.57
CA SER B 43 -17.44 -9.61 -4.11
C SER B 43 -18.42 -10.67 -3.62
N TYR B 44 -19.21 -11.23 -4.53
CA TYR B 44 -20.00 -12.41 -4.19
C TYR B 44 -19.24 -13.66 -4.63
N LYS B 45 -18.27 -13.49 -5.53
CA LYS B 45 -17.31 -14.56 -5.81
C LYS B 45 -16.49 -14.79 -4.55
N ASP B 46 -16.23 -13.71 -3.82
CA ASP B 46 -15.43 -13.77 -2.61
C ASP B 46 -16.23 -13.41 -1.35
N SER B 47 -17.47 -13.88 -1.24
CA SER B 47 -18.34 -13.52 -0.11
C SER B 47 -18.06 -14.27 1.21
N LYS B 48 -16.83 -14.75 1.41
CA LYS B 48 -16.55 -15.57 2.58
C LYS B 48 -16.19 -14.84 3.88
N SER B 49 -15.29 -13.85 3.84
CA SER B 49 -14.88 -13.19 5.08
C SER B 49 -15.85 -12.07 5.48
N THR B 50 -15.70 -11.57 6.70
CA THR B 50 -16.63 -10.60 7.24
C THR B 50 -16.49 -9.25 6.54
N LYS B 51 -15.26 -8.88 6.18
CA LYS B 51 -15.03 -7.59 5.55
C LYS B 51 -15.41 -7.64 4.06
N GLU B 52 -15.25 -8.81 3.46
CA GLU B 52 -15.75 -9.05 2.11
C GLU B 52 -17.26 -8.82 2.09
N LYS B 53 -17.93 -9.40 3.08
CA LYS B 53 -19.37 -9.23 3.26
C LYS B 53 -19.74 -7.77 3.50
N ASN B 54 -18.92 -7.07 4.27
CA ASN B 54 -19.13 -5.64 4.52
C ASN B 54 -19.07 -4.83 3.21
N LEU B 55 -18.08 -5.15 2.39
CA LEU B 55 -17.88 -4.46 1.12
C LEU B 55 -19.06 -4.72 0.19
N PHE B 56 -19.40 -5.99 0.04
CA PHE B 56 -20.56 -6.40 -0.77
C PHE B 56 -21.83 -5.70 -0.30
N ALA B 57 -21.99 -5.60 1.01
CA ALA B 57 -23.15 -4.96 1.61
C ALA B 57 -23.21 -3.48 1.25
N LEU B 58 -22.06 -2.82 1.33
CA LEU B 58 -22.00 -1.39 0.99
C LEU B 58 -22.32 -1.13 -0.49
N VAL B 59 -21.66 -1.88 -1.37
CA VAL B 59 -21.93 -1.75 -2.81
C VAL B 59 -23.40 -2.02 -3.13
N LYS B 60 -23.95 -3.05 -2.50
CA LYS B 60 -25.38 -3.37 -2.64
C LYS B 60 -26.25 -2.20 -2.21
N VAL B 61 -25.93 -1.63 -1.05
CA VAL B 61 -26.63 -0.46 -0.53
C VAL B 61 -26.65 0.70 -1.52
N LEU B 62 -25.47 1.00 -2.08
CA LEU B 62 -25.34 2.11 -3.01
C LEU B 62 -26.15 1.82 -4.27
N LEU B 63 -26.03 0.60 -4.78
CA LEU B 63 -26.81 0.16 -5.94
C LEU B 63 -28.31 0.27 -5.69
N ALA B 64 -28.71 0.05 -4.44
CA ALA B 64 -30.13 0.06 -4.08
C ALA B 64 -30.65 1.49 -4.02
N THR B 65 -29.81 2.42 -3.57
CA THR B 65 -30.20 3.83 -3.61
C THR B 65 -30.22 4.32 -5.04
N LEU B 66 -29.40 3.70 -5.88
CA LEU B 66 -29.40 4.02 -7.30
C LEU B 66 -30.67 3.55 -7.99
N THR B 67 -31.13 2.36 -7.65
CA THR B 67 -32.24 1.74 -8.37
C THR B 67 -33.43 1.35 -7.50
N GLU B 68 -33.75 2.18 -6.50
CA GLU B 68 -34.93 2.01 -5.66
C GLU B 68 -35.13 0.61 -5.08
N GLU B 69 -34.08 -0.19 -5.01
CA GLU B 69 -34.20 -1.55 -4.51
C GLU B 69 -34.18 -1.57 -2.99
N ASP B 70 -34.71 -2.64 -2.41
CA ASP B 70 -35.07 -2.65 -1.00
C ASP B 70 -33.87 -2.82 -0.05
N CYS B 71 -33.02 -3.80 -0.34
CA CYS B 71 -31.74 -3.99 0.37
C CYS B 71 -31.79 -4.04 1.90
N LEU B 72 -32.83 -4.63 2.48
CA LEU B 72 -32.96 -4.68 3.94
C LEU B 72 -31.91 -5.59 4.58
N THR B 73 -31.59 -6.69 3.90
CA THR B 73 -30.55 -7.61 4.37
C THR B 73 -29.22 -6.91 4.61
N GLU B 74 -28.70 -6.24 3.59
CA GLU B 74 -27.40 -5.61 3.66
C GLU B 74 -27.39 -4.43 4.62
N ARG B 75 -28.47 -3.66 4.60
CA ARG B 75 -28.67 -2.58 5.55
C ARG B 75 -28.57 -3.02 7.00
N THR B 76 -29.33 -4.06 7.34
CA THR B 76 -29.36 -4.57 8.70
C THR B 76 -28.05 -5.25 9.05
N TYR B 77 -27.38 -5.81 8.04
CA TYR B 77 -26.06 -6.38 8.23
C TYR B 77 -25.06 -5.32 8.65
N LEU B 78 -25.02 -4.22 7.90
CA LEU B 78 -24.08 -3.13 8.19
C LEU B 78 -24.37 -2.53 9.56
N SER B 79 -25.65 -2.25 9.82
CA SER B 79 -26.06 -1.75 11.14
C SER B 79 -25.57 -2.68 12.24
N ASN B 80 -25.83 -3.97 12.06
CA ASN B 80 -25.38 -5.01 12.98
C ASN B 80 -23.89 -4.92 13.26
N TYR B 81 -23.09 -5.02 12.19
CA TYR B 81 -21.64 -4.98 12.27
C TYR B 81 -21.13 -3.75 13.02
N LEU B 82 -21.65 -2.58 12.66
CA LEU B 82 -21.17 -1.34 13.25
C LEU B 82 -21.64 -1.15 14.70
N ILE B 83 -22.73 -1.82 15.07
CA ILE B 83 -23.19 -1.78 16.45
C ILE B 83 -22.33 -2.68 17.35
N ASN B 84 -21.94 -3.84 16.81
CA ASN B 84 -21.28 -4.87 17.62
C ASN B 84 -19.75 -4.81 17.55
N ILE B 85 -19.20 -3.70 17.07
CA ILE B 85 -17.76 -3.49 17.11
C ILE B 85 -17.36 -3.00 18.50
N GLU B 86 -16.28 -3.55 19.05
CA GLU B 86 -15.83 -3.19 20.39
C GLU B 86 -14.94 -1.96 20.41
N THR B 87 -13.75 -2.09 19.82
CA THR B 87 -12.77 -1.01 19.80
C THR B 87 -12.76 -0.33 18.44
N TRP B 88 -12.73 1.00 18.43
CA TRP B 88 -12.87 1.71 17.17
C TRP B 88 -11.54 1.79 16.44
N SER B 89 -11.55 1.36 15.19
CA SER B 89 -10.41 1.51 14.31
C SER B 89 -10.84 2.40 13.16
N HIS B 90 -9.88 2.96 12.43
CA HIS B 90 -10.22 3.86 11.33
C HIS B 90 -11.09 3.18 10.28
N TYR B 91 -10.95 1.86 10.13
CA TYR B 91 -11.77 1.10 9.19
C TYR B 91 -13.25 1.31 9.42
N GLU B 92 -13.66 1.12 10.67
CA GLU B 92 -15.07 1.21 11.02
C GLU B 92 -15.57 2.65 11.01
N THR B 93 -14.68 3.60 11.25
CA THR B 93 -15.01 5.03 11.15
C THR B 93 -15.25 5.45 9.71
N VAL B 94 -14.43 4.93 8.81
CA VAL B 94 -14.60 5.15 7.38
C VAL B 94 -15.92 4.54 6.92
N LEU B 95 -16.12 3.27 7.29
CA LEU B 95 -17.34 2.55 6.94
C LEU B 95 -18.57 3.31 7.44
N PHE B 96 -18.57 3.62 8.74
CA PHE B 96 -19.65 4.38 9.34
C PHE B 96 -19.91 5.69 8.63
N ASN B 97 -18.84 6.45 8.37
CA ASN B 97 -18.97 7.76 7.72
C ASN B 97 -19.55 7.63 6.32
N ASN B 98 -19.23 6.51 5.67
CA ASN B 98 -19.77 6.21 4.35
C ASN B 98 -21.26 5.87 4.38
N CYS B 99 -21.62 4.86 5.15
CA CYS B 99 -22.98 4.31 5.08
C CYS B 99 -23.92 4.77 6.20
N MET B 100 -23.56 5.83 6.92
CA MET B 100 -24.44 6.32 7.99
C MET B 100 -25.66 7.02 7.44
N PHE B 101 -25.74 7.12 6.12
CA PHE B 101 -26.84 7.83 5.48
C PHE B 101 -28.09 6.98 5.46
N ILE B 102 -27.94 5.68 5.30
CA ILE B 102 -29.10 4.79 5.25
C ILE B 102 -29.40 4.25 6.66
N PHE B 103 -28.64 4.72 7.65
CA PHE B 103 -28.85 4.23 9.01
C PHE B 103 -30.04 4.93 9.63
N GLU B 104 -30.70 4.21 10.50
CA GLU B 104 -31.73 4.78 11.35
C GLU B 104 -31.06 5.56 12.48
N SER B 105 -31.68 6.63 12.93
CA SER B 105 -31.03 7.55 13.86
C SER B 105 -30.69 6.91 15.21
N CYS B 106 -31.34 5.78 15.52
CA CYS B 106 -31.05 5.06 16.76
C CYS B 106 -29.67 4.42 16.67
N PHE B 107 -29.44 3.70 15.57
CA PHE B 107 -28.17 3.06 15.30
C PHE B 107 -27.04 4.09 15.26
N ILE B 108 -27.26 5.15 14.50
CA ILE B 108 -26.32 6.28 14.43
C ILE B 108 -26.01 6.81 15.82
N GLU B 109 -27.05 7.01 16.62
CA GLU B 109 -26.90 7.49 17.99
C GLU B 109 -25.99 6.58 18.80
N MET B 110 -26.20 5.28 18.66
CA MET B 110 -25.44 4.28 19.40
C MET B 110 -23.97 4.24 18.97
N VAL B 111 -23.76 4.25 17.65
CA VAL B 111 -22.42 4.31 17.08
C VAL B 111 -21.67 5.53 17.60
N PHE B 112 -22.32 6.69 17.56
CA PHE B 112 -21.76 7.91 18.11
C PHE B 112 -21.44 7.78 19.58
N SER B 113 -22.35 7.14 20.31
CA SER B 113 -22.16 6.90 21.73
C SER B 113 -20.91 6.07 21.94
N LYS B 114 -20.55 5.28 20.93
CA LYS B 114 -19.37 4.45 21.03
C LYS B 114 -18.09 5.21 20.64
N VAL B 115 -18.14 6.00 19.57
CA VAL B 115 -16.93 6.71 19.09
C VAL B 115 -16.41 7.75 20.06
N ILE B 116 -17.27 8.27 20.92
CA ILE B 116 -16.94 9.43 21.75
C ILE B 116 -15.80 9.16 22.74
N LEU B 117 -15.54 7.89 23.03
CA LEU B 117 -14.44 7.55 23.93
C LEU B 117 -13.16 7.18 23.17
N ASN B 118 -13.30 6.40 22.11
CA ASN B 118 -12.14 5.94 21.33
C ASN B 118 -11.70 6.99 20.31
N LEU B 119 -12.18 8.21 20.48
CA LEU B 119 -11.94 9.29 19.53
C LEU B 119 -10.59 9.98 19.72
N ASP B 120 -10.04 9.90 20.93
CA ASP B 120 -8.93 10.78 21.32
C ASP B 120 -7.64 10.58 20.53
N LYS B 121 -7.52 9.45 19.83
CA LYS B 121 -6.36 9.19 18.99
C LYS B 121 -6.36 10.09 17.75
N TYR B 122 -7.56 10.50 17.32
CA TYR B 122 -7.70 11.48 16.25
C TYR B 122 -7.42 12.89 16.78
N ASN B 123 -7.43 13.04 18.11
CA ASN B 123 -7.31 14.36 18.73
C ASN B 123 -5.88 14.70 19.14
N THR B 124 -5.01 13.69 19.21
CA THR B 124 -3.58 13.96 19.37
C THR B 124 -3.04 14.22 17.97
N LEU B 125 -3.59 13.48 17.02
CA LEU B 125 -3.18 13.61 15.63
C LEU B 125 -3.74 14.90 15.04
N TYR B 127 -6.60 17.48 8.42
CA TYR B 127 -7.69 16.79 7.73
C TYR B 127 -8.26 15.69 8.62
N TYR B 128 -7.40 14.80 9.08
CA TYR B 128 -7.87 13.60 9.77
C TYR B 128 -8.18 13.90 11.23
N GLY B 129 -7.53 14.93 11.77
CA GLY B 129 -7.86 15.41 13.10
C GLY B 129 -9.25 16.01 13.11
N ASN B 130 -9.74 16.33 11.91
CA ASN B 130 -11.09 16.84 11.73
C ASN B 130 -12.06 15.76 11.32
N GLU B 131 -11.55 14.55 11.07
CA GLU B 131 -12.40 13.44 10.64
C GLU B 131 -13.48 13.22 11.66
N SER B 132 -13.08 13.30 12.93
CA SER B 132 -14.01 13.26 14.05
C SER B 132 -15.16 14.23 13.84
N ILE B 133 -14.84 15.51 13.66
CA ILE B 133 -15.87 16.52 13.52
C ILE B 133 -16.57 16.28 12.20
N ARG B 134 -15.83 15.77 11.22
CA ARG B 134 -16.37 15.47 9.90
C ARG B 134 -17.47 14.42 10.05
N MET B 135 -17.28 13.55 11.03
CA MET B 135 -18.31 12.59 11.36
C MET B 135 -19.45 13.28 12.09
N PHE B 136 -19.12 14.00 13.16
CA PHE B 136 -20.13 14.56 14.05
C PHE B 136 -21.11 15.44 13.29
N VAL B 137 -20.55 16.37 12.52
CA VAL B 137 -21.37 17.31 11.78
C VAL B 137 -22.25 16.54 10.82
N ASN B 138 -21.66 15.56 10.15
CA ASN B 138 -22.40 14.74 9.20
C ASN B 138 -23.65 14.21 9.89
N MET B 139 -23.45 13.62 11.06
CA MET B 139 -24.55 13.07 11.85
C MET B 139 -25.58 14.15 12.08
N LEU B 140 -25.13 15.28 12.61
CA LEU B 140 -26.01 16.39 12.93
C LEU B 140 -26.84 16.77 11.72
N ILE B 141 -26.18 16.88 10.57
CA ILE B 141 -26.89 17.28 9.36
C ILE B 141 -28.00 16.29 9.10
N LEU B 142 -27.65 15.01 9.18
CA LEU B 142 -28.57 13.93 8.90
C LEU B 142 -29.73 13.91 9.90
N PHE B 143 -29.49 14.45 11.09
CA PHE B 143 -30.56 14.53 12.08
C PHE B 143 -31.48 15.70 11.77
N ILE B 144 -30.90 16.80 11.31
CA ILE B 144 -31.68 17.99 11.04
C ILE B 144 -32.52 17.79 9.78
N GLN B 145 -31.99 16.99 8.85
CA GLN B 145 -32.73 16.67 7.63
C GLN B 145 -33.72 15.55 7.91
N ARG B 146 -33.53 14.85 9.02
CA ARG B 146 -34.48 13.83 9.47
C ARG B 146 -35.44 14.44 10.49
N GLN B 147 -35.19 15.69 10.83
CA GLN B 147 -36.00 16.45 11.79
C GLN B 147 -36.15 15.73 13.13
N GLU B 148 -35.02 15.29 13.68
CA GLU B 148 -35.00 14.71 15.02
C GLU B 148 -34.23 15.64 15.95
N TYR B 149 -34.97 16.56 16.57
CA TYR B 149 -34.39 17.69 17.27
C TYR B 149 -33.82 17.32 18.64
N ASP B 150 -34.55 16.48 19.38
CA ASP B 150 -34.11 16.07 20.71
C ASP B 150 -32.83 15.25 20.64
N LYS B 151 -32.74 14.38 19.63
CA LYS B 151 -31.55 13.56 19.41
C LYS B 151 -30.35 14.40 18.99
N ALA B 152 -30.59 15.35 18.10
CA ALA B 152 -29.56 16.29 17.68
C ALA B 152 -29.02 17.05 18.89
N SER B 153 -29.92 17.60 19.68
CA SER B 153 -29.55 18.32 20.90
C SER B 153 -28.80 17.42 21.87
N GLU B 154 -29.16 16.14 21.88
CA GLU B 154 -28.45 15.14 22.67
C GLU B 154 -26.98 15.07 22.24
N ILE B 155 -26.78 14.90 20.93
CA ILE B 155 -25.43 14.94 20.36
C ILE B 155 -24.68 16.20 20.79
N LEU B 156 -25.32 17.36 20.59
CA LEU B 156 -24.71 18.64 20.94
C LEU B 156 -24.27 18.74 22.40
N ALA B 157 -25.14 18.32 23.32
CA ALA B 157 -24.80 18.32 24.74
C ALA B 157 -23.63 17.39 25.03
N LYS B 158 -23.68 16.20 24.44
CA LYS B 158 -22.62 15.21 24.60
C LYS B 158 -21.27 15.77 24.14
N ILE B 159 -21.26 16.36 22.96
CA ILE B 159 -20.08 16.95 22.36
C ILE B 159 -19.57 18.13 23.18
N GLU B 160 -20.48 18.93 23.74
CA GLU B 160 -20.09 20.07 24.55
C GLU B 160 -19.47 19.64 25.88
N ASP B 161 -19.94 18.52 26.42
CA ASP B 161 -19.30 17.96 27.60
C ASP B 161 -17.94 17.39 27.23
N TYR B 162 -17.86 16.80 26.04
CA TYR B 162 -16.60 16.29 25.51
C TYR B 162 -15.80 17.35 24.77
N GLN B 163 -16.13 18.61 25.00
CA GLN B 163 -15.36 19.70 24.41
C GLN B 163 -14.13 19.94 25.25
N LEU B 164 -14.20 19.42 26.48
CA LEU B 164 -13.06 19.40 27.38
C LEU B 164 -11.81 18.75 26.76
N ASN B 165 -12.00 17.70 25.97
CA ASN B 165 -10.85 17.01 25.39
C ASN B 165 -10.12 17.86 24.34
N ASP B 166 -10.83 18.27 23.30
CA ASP B 166 -10.22 19.05 22.23
C ASP B 166 -10.61 20.53 22.34
N ASP B 167 -9.62 21.40 22.31
CA ASP B 167 -9.86 22.84 22.39
C ASP B 167 -9.94 23.47 21.01
N CYS B 168 -9.93 22.64 19.97
CA CYS B 168 -10.04 23.14 18.60
C CYS B 168 -11.34 23.94 18.43
N LEU B 169 -11.25 25.07 17.73
CA LEU B 169 -12.35 26.03 17.72
C LEU B 169 -13.32 25.83 16.56
N TYR B 170 -12.96 24.97 15.62
CA TYR B 170 -13.87 24.63 14.53
C TYR B 170 -15.00 23.82 15.15
N GLU B 171 -14.64 23.04 16.17
CA GLU B 171 -15.60 22.27 16.95
C GLU B 171 -16.64 23.20 17.56
N ARG B 172 -16.19 24.09 18.44
CA ARG B 172 -17.06 25.01 19.16
C ARG B 172 -17.88 25.88 18.19
N CYS B 173 -17.26 26.25 17.08
CA CYS B 173 -17.95 26.99 16.02
C CYS B 173 -19.14 26.19 15.53
N CYS B 174 -18.89 24.95 15.12
CA CYS B 174 -19.94 24.10 14.59
C CYS B 174 -21.05 23.82 15.62
N VAL B 175 -20.69 23.53 16.87
CA VAL B 175 -21.70 23.25 17.88
C VAL B 175 -22.55 24.48 18.20
N SER B 176 -21.95 25.67 18.21
CA SER B 176 -22.71 26.88 18.48
C SER B 176 -23.62 27.20 17.29
N PHE B 177 -23.11 26.98 16.09
CA PHE B 177 -23.86 27.25 14.87
C PHE B 177 -25.08 26.34 14.75
N PHE B 178 -24.86 25.04 14.94
CA PHE B 178 -25.93 24.07 14.85
C PHE B 178 -26.91 24.21 16.00
N ASP B 179 -26.39 24.55 17.19
CA ASP B 179 -27.25 24.96 18.30
C ASP B 179 -28.18 26.08 17.84
N GLY B 180 -27.60 27.08 17.18
CA GLY B 180 -28.35 28.16 16.58
C GLY B 180 -29.42 27.68 15.62
N ILE B 181 -29.09 26.67 14.82
CA ILE B 181 -30.05 26.08 13.91
C ILE B 181 -31.23 25.43 14.64
N ILE B 182 -30.90 24.70 15.71
CA ILE B 182 -31.92 24.10 16.56
C ILE B 182 -32.86 25.18 17.09
N GLY B 183 -32.28 26.24 17.64
CA GLY B 183 -33.07 27.38 18.07
C GLY B 183 -33.91 27.98 16.96
N LEU B 184 -33.39 27.93 15.74
CA LEU B 184 -34.05 28.49 14.57
C LEU B 184 -35.31 27.70 14.20
N ILE B 185 -35.22 26.38 14.20
CA ILE B 185 -36.37 25.54 13.86
C ILE B 185 -37.35 25.45 15.04
N ASN B 186 -36.79 25.47 16.25
CA ASN B 186 -37.58 25.48 17.48
C ASN B 186 -38.19 26.85 17.76
N GLY B 187 -37.75 27.86 17.01
CA GLY B 187 -38.27 29.21 17.18
C GLY B 187 -37.79 29.89 18.45
N LYS B 188 -36.58 29.58 18.88
CA LYS B 188 -36.04 30.13 20.12
C LYS B 188 -35.61 31.59 19.96
N GLU B 189 -34.98 32.14 20.99
CA GLU B 189 -34.79 33.58 21.12
C GLU B 189 -33.73 34.18 20.21
N GLY B 190 -32.45 33.96 20.53
CA GLY B 190 -31.34 34.50 19.75
C GLY B 190 -30.62 33.52 18.86
N ALA B 191 -31.38 32.64 18.20
CA ALA B 191 -30.79 31.59 17.37
C ALA B 191 -30.18 32.10 16.07
N GLU B 192 -31.00 32.76 15.26
CA GLU B 192 -30.56 33.28 13.96
C GLU B 192 -29.41 34.26 14.16
N GLN B 193 -29.38 34.89 15.34
CA GLN B 193 -28.29 35.78 15.70
C GLN B 193 -26.99 35.00 15.84
N LYS B 194 -27.04 33.86 16.53
CA LYS B 194 -25.87 32.99 16.66
C LYS B 194 -25.40 32.52 15.29
N CYS B 195 -26.33 32.01 14.49
CA CYS B 195 -26.02 31.51 13.17
C CYS B 195 -25.31 32.55 12.29
N VAL B 196 -25.97 33.68 12.09
CA VAL B 196 -25.45 34.73 11.22
C VAL B 196 -24.17 35.34 11.80
N GLN B 197 -24.04 35.31 13.13
CA GLN B 197 -22.81 35.78 13.77
C GLN B 197 -21.64 34.89 13.43
N ILE B 198 -21.84 33.58 13.54
CA ILE B 198 -20.82 32.61 13.20
C ILE B 198 -20.46 32.71 11.72
N LEU B 199 -21.46 32.87 10.87
CA LEU B 199 -21.21 33.13 9.45
C LEU B 199 -20.31 34.36 9.27
N GLU B 200 -20.59 35.40 10.06
CA GLU B 200 -19.85 36.64 10.01
C GLU B 200 -18.39 36.42 10.39
N ILE B 201 -18.17 35.63 11.44
CA ILE B 201 -16.82 35.31 11.88
C ILE B 201 -16.10 34.49 10.82
N PHE B 202 -16.84 33.61 10.15
CA PHE B 202 -16.30 32.79 9.08
C PHE B 202 -15.78 33.65 7.92
N GLN B 203 -16.62 34.54 7.38
CA GLN B 203 -16.18 35.35 6.25
C GLN B 203 -15.20 36.44 6.67
N LEU B 204 -15.28 36.85 7.93
CA LEU B 204 -14.39 37.88 8.48
C LEU B 204 -12.93 37.46 8.36
N LEU B 205 -12.67 36.20 8.69
CA LEU B 205 -11.34 35.63 8.58
C LEU B 205 -10.99 35.27 7.13
N ASN B 206 -11.87 35.67 6.22
CA ASN B 206 -11.67 35.47 4.78
C ASN B 206 -11.57 33.99 4.43
N CYS B 207 -12.19 33.15 5.26
CA CYS B 207 -12.31 31.73 4.95
C CYS B 207 -13.58 31.54 4.14
N LYS B 208 -13.44 31.74 2.83
CA LYS B 208 -14.58 31.89 1.93
C LYS B 208 -15.34 30.58 1.67
N THR B 209 -14.60 29.48 1.62
CA THR B 209 -15.18 28.16 1.37
C THR B 209 -16.18 27.74 2.45
N ILE B 210 -15.69 27.66 3.69
CA ILE B 210 -16.50 27.25 4.82
C ILE B 210 -17.70 28.17 5.01
N HIS B 211 -17.44 29.48 4.95
CA HIS B 211 -18.50 30.47 5.07
C HIS B 211 -19.56 30.26 4.01
N HIS B 212 -19.13 29.94 2.79
CA HIS B 212 -20.05 29.65 1.70
C HIS B 212 -20.91 28.43 2.01
N MET B 213 -20.27 27.36 2.48
CA MET B 213 -20.98 26.15 2.87
C MET B 213 -22.06 26.41 3.91
N PHE B 214 -21.67 27.04 5.02
CA PHE B 214 -22.57 27.22 6.15
C PHE B 214 -23.66 28.26 5.87
N GLN B 215 -23.35 29.24 5.01
CA GLN B 215 -24.35 30.20 4.59
C GLN B 215 -25.37 29.51 3.69
N THR B 216 -24.89 28.64 2.82
CA THR B 216 -25.77 27.90 1.93
C THR B 216 -26.69 26.99 2.73
N TYR B 217 -26.14 26.41 3.79
CA TYR B 217 -26.95 25.57 4.66
C TYR B 217 -28.01 26.41 5.38
N LEU B 218 -27.60 27.52 5.98
CA LEU B 218 -28.54 28.38 6.70
C LEU B 218 -29.68 28.88 5.81
N GLU B 219 -29.35 29.21 4.56
CA GLU B 219 -30.37 29.68 3.63
C GLU B 219 -31.24 28.53 3.13
N ALA B 220 -30.68 27.33 3.12
CA ALA B 220 -31.47 26.14 2.75
C ALA B 220 -32.50 25.82 3.84
N ILE B 221 -32.09 25.96 5.09
CA ILE B 221 -32.98 25.73 6.20
C ILE B 221 -34.04 26.82 6.20
N LYS B 222 -33.63 28.07 5.99
CA LYS B 222 -34.58 29.18 5.90
C LYS B 222 -35.60 28.97 4.80
N HIS B 223 -35.16 28.40 3.69
CA HIS B 223 -36.06 28.08 2.58
C HIS B 223 -37.06 27.02 3.04
N LYS B 224 -36.55 25.94 3.62
CA LYS B 224 -37.43 24.86 4.09
C LYS B 224 -38.34 25.29 5.25
N LEU B 225 -38.05 26.44 5.85
CA LEU B 225 -38.85 26.97 6.96
C LEU B 225 -40.22 27.48 6.55
N SER B 226 -40.52 27.45 5.24
CA SER B 226 -41.80 27.84 4.63
C SER B 226 -42.96 28.12 5.60
#